data_5OBT
#
_entry.id   5OBT
#
_cell.length_a   41.740
_cell.length_b   78.070
_cell.length_c   77.719
_cell.angle_alpha   90.00
_cell.angle_beta   92.98
_cell.angle_gamma   90.00
#
_symmetry.space_group_name_H-M   'P 1 21 1'
#
loop_
_entity.id
_entity.type
_entity.pdbx_description
1 polymer 'Vacuolar-processing enzyme gamma-isozyme'
2 polymer 'Vacuolar-processing enzyme gamma-isozyme'
3 polymer Ac-YVAD-CMK
4 water water
#
loop_
_entity_poly.entity_id
_entity_poly.type
_entity_poly.pdbx_seq_one_letter_code
_entity_poly.pdbx_strand_id
1 'polypeptide(L)'
;GASLEHHHHHHENLYFQSGTRWAVLVAGSSGYWNYRHQADICHAYQLLRKGGLKEENIVVFMYDDIANNYENPRPGTIIN
SPHGKDVYQGVPKDYTGDDVNVDNLFAVILGDKTAVKGGSGKVVDSGPNDHIFIFYS(SNN)HGGPGVLGMPTSPYLYAN
DLNDVLKKKHALGTYKSLVFYLEACESGSIFEGLLPEGLNIYATTASNAEESSWGTYCPGEEPSPPPEYETCLGDLYSVA
WMEDSGMHN
;
A,B
2 'polypeptide(L)' LQTETLHQQYELVKRRTAPVGYSYGSHVMQYGDVGISKDNLDLYMGTNPAN E,F
3 'polypeptide(L)' (ACE)YVAD(0QE) C,D
#
loop_
_chem_comp.id
_chem_comp.type
_chem_comp.name
_chem_comp.formula
0QE non-polymer chloromethane 'C H3 Cl'
ACE non-polymer 'ACETYL GROUP' 'C2 H4 O'
#
# COMPACT_ATOMS: atom_id res chain seq x y z
N PHE A 16 7.74 -14.22 -42.15
CA PHE A 16 6.95 -13.36 -41.28
C PHE A 16 5.64 -14.05 -40.83
N GLN A 17 5.22 -13.70 -39.62
CA GLN A 17 3.97 -14.13 -39.05
C GLN A 17 2.80 -13.74 -39.95
N SER A 18 2.00 -14.74 -40.31
CA SER A 18 0.84 -14.52 -41.17
C SER A 18 -0.47 -14.66 -40.39
N GLY A 19 -0.37 -15.08 -39.13
CA GLY A 19 -1.55 -15.19 -38.28
C GLY A 19 -2.07 -13.84 -37.79
N THR A 20 -3.16 -13.87 -37.06
CA THR A 20 -3.77 -12.67 -36.50
C THR A 20 -3.38 -12.56 -35.04
N ARG A 21 -3.05 -11.34 -34.61
CA ARG A 21 -2.72 -11.05 -33.21
C ARG A 21 -3.94 -10.49 -32.49
N TRP A 22 -4.33 -11.15 -31.40
CA TRP A 22 -5.48 -10.76 -30.59
C TRP A 22 -5.04 -10.36 -29.21
N ALA A 23 -5.83 -9.54 -28.53
CA ALA A 23 -5.58 -9.25 -27.13
C ALA A 23 -6.88 -9.14 -26.33
N VAL A 24 -6.80 -9.51 -25.05
CA VAL A 24 -7.88 -9.27 -24.11
C VAL A 24 -7.28 -8.48 -22.97
N LEU A 25 -7.86 -7.32 -22.69
CA LEU A 25 -7.36 -6.41 -21.68
C LEU A 25 -8.41 -6.25 -20.60
N VAL A 26 -8.08 -6.58 -19.36
CA VAL A 26 -9.06 -6.65 -18.28
C VAL A 26 -8.62 -5.89 -17.04
N ALA A 27 -9.38 -4.84 -16.69
CA ALA A 27 -9.25 -4.17 -15.40
C ALA A 27 -10.30 -4.75 -14.46
N GLY A 28 -9.86 -5.30 -13.34
CA GLY A 28 -10.74 -6.07 -12.48
C GLY A 28 -11.42 -5.30 -11.37
N SER A 29 -11.23 -3.99 -11.35
CA SER A 29 -11.66 -3.17 -10.24
C SER A 29 -12.51 -1.98 -10.68
N SER A 30 -13.06 -1.27 -9.71
CA SER A 30 -13.78 -0.04 -9.98
C SER A 30 -13.52 0.94 -8.85
N GLY A 31 -13.94 2.19 -9.03
CA GLY A 31 -13.72 3.22 -8.03
C GLY A 31 -12.50 4.08 -8.30
N TYR A 32 -12.62 5.36 -7.97
CA TYR A 32 -11.54 6.31 -8.26
C TYR A 32 -10.21 5.90 -7.64
N TRP A 33 -10.26 5.31 -6.45
CA TRP A 33 -9.05 4.86 -5.75
C TRP A 33 -8.33 3.76 -6.51
N ASN A 34 -9.02 3.17 -7.48
CA ASN A 34 -8.46 2.13 -8.34
C ASN A 34 -8.19 2.61 -9.75
N TYR A 35 -8.08 3.93 -9.90
CA TYR A 35 -7.68 4.59 -11.14
C TYR A 35 -6.64 3.83 -11.94
N ARG A 36 -5.58 3.40 -11.25
CA ARG A 36 -4.42 2.80 -11.90
C ARG A 36 -4.74 1.55 -12.73
N HIS A 37 -5.73 0.76 -12.35
CA HIS A 37 -5.94 -0.49 -13.09
C HIS A 37 -6.55 -0.21 -14.45
N GLN A 38 -7.49 0.73 -14.49
CA GLN A 38 -8.06 1.10 -15.77
C GLN A 38 -7.07 1.94 -16.58
N ALA A 39 -6.23 2.73 -15.93
CA ALA A 39 -5.18 3.44 -16.64
C ALA A 39 -4.19 2.46 -17.29
N ASP A 40 -3.81 1.41 -16.55
CA ASP A 40 -2.94 0.37 -17.10
C ASP A 40 -3.52 -0.23 -18.39
N ILE A 41 -4.80 -0.53 -18.35
CA ILE A 41 -5.45 -1.21 -19.46
C ILE A 41 -5.60 -0.27 -20.65
N CYS A 42 -5.88 1.00 -20.40
CA CYS A 42 -6.01 1.94 -21.51
C CYS A 42 -4.66 2.14 -22.18
N HIS A 43 -3.62 2.23 -21.36
CA HIS A 43 -2.27 2.35 -21.91
C HIS A 43 -1.96 1.13 -22.77
N ALA A 44 -2.32 -0.06 -22.28
CA ALA A 44 -2.01 -1.30 -23.02
C ALA A 44 -2.74 -1.28 -24.35
N TYR A 45 -3.98 -0.79 -24.35
CA TYR A 45 -4.72 -0.68 -25.61
C TYR A 45 -3.97 0.20 -26.63
N GLN A 46 -3.55 1.39 -26.20
CA GLN A 46 -2.85 2.30 -27.10
C GLN A 46 -1.55 1.71 -27.63
N LEU A 47 -0.79 1.06 -26.76
CA LEU A 47 0.45 0.41 -27.14
C LEU A 47 0.22 -0.63 -28.24
N LEU A 48 -0.81 -1.45 -28.05
CA LEU A 48 -1.03 -2.56 -28.97
C LEU A 48 -1.53 -2.03 -30.31
N ARG A 49 -2.34 -0.97 -30.28
CA ARG A 49 -2.75 -0.32 -31.53
C ARG A 49 -1.56 0.26 -32.28
N LYS A 50 -0.67 0.93 -31.58
CA LYS A 50 0.55 1.47 -32.18
C LYS A 50 1.41 0.36 -32.79
N GLY A 51 1.29 -0.85 -32.25
CA GLY A 51 2.05 -1.98 -32.73
C GLY A 51 1.41 -2.62 -33.95
N GLY A 52 0.20 -2.15 -34.27
CA GLY A 52 -0.50 -2.66 -35.44
C GLY A 52 -1.60 -3.67 -35.18
N LEU A 53 -1.86 -4.00 -33.92
CA LEU A 53 -3.03 -4.84 -33.64
C LEU A 53 -4.27 -4.03 -33.99
N LYS A 54 -5.23 -4.68 -34.62
CA LYS A 54 -6.45 -3.99 -35.04
C LYS A 54 -7.45 -3.91 -33.91
N GLU A 55 -8.22 -2.82 -33.90
CA GLU A 55 -9.21 -2.60 -32.85
C GLU A 55 -10.17 -3.77 -32.74
N GLU A 56 -10.55 -4.34 -33.88
CA GLU A 56 -11.48 -5.45 -33.90
C GLU A 56 -10.93 -6.71 -33.23
N ASN A 57 -9.61 -6.74 -33.02
CA ASN A 57 -8.99 -7.91 -32.38
C ASN A 57 -8.53 -7.65 -30.94
N ILE A 58 -8.80 -6.46 -30.42
CA ILE A 58 -8.44 -6.12 -29.04
C ILE A 58 -9.73 -5.95 -28.24
N VAL A 59 -9.95 -6.80 -27.24
CA VAL A 59 -11.18 -6.73 -26.46
C VAL A 59 -10.93 -6.11 -25.10
N VAL A 60 -11.62 -5.01 -24.81
CA VAL A 60 -11.37 -4.24 -23.60
C VAL A 60 -12.48 -4.36 -22.55
N PHE A 61 -12.08 -4.79 -21.35
CA PHE A 61 -12.93 -4.81 -20.16
C PHE A 61 -12.52 -3.68 -19.21
N MET A 62 -13.38 -2.69 -19.00
CA MET A 62 -13.09 -1.64 -18.02
C MET A 62 -14.41 -1.10 -17.49
N TYR A 63 -14.50 -0.88 -16.18
CA TYR A 63 -15.77 -0.48 -15.60
C TYR A 63 -16.25 0.86 -16.17
N ASP A 64 -15.28 1.74 -16.45
CA ASP A 64 -15.45 2.98 -17.20
C ASP A 64 -15.98 4.09 -16.31
N ASP A 65 -15.54 4.08 -15.05
CA ASP A 65 -15.95 5.09 -14.07
C ASP A 65 -14.81 6.02 -13.65
N ILE A 66 -13.80 6.12 -14.50
CA ILE A 66 -12.60 6.87 -14.14
C ILE A 66 -12.47 8.17 -14.93
N ALA A 67 -12.63 8.11 -16.25
CA ALA A 67 -12.36 9.28 -17.06
C ALA A 67 -13.21 10.48 -16.68
N ASN A 68 -14.45 10.22 -16.31
CA ASN A 68 -15.36 11.30 -15.91
C ASN A 68 -15.77 11.20 -14.45
N ASN A 69 -14.94 10.54 -13.65
CA ASN A 69 -15.15 10.54 -12.22
C ASN A 69 -15.03 11.95 -11.69
N TYR A 70 -15.88 12.34 -10.73
CA TYR A 70 -15.81 13.72 -10.28
C TYR A 70 -14.49 14.03 -9.56
N GLU A 71 -13.82 13.00 -9.07
CA GLU A 71 -12.55 13.19 -8.39
C GLU A 71 -11.36 13.33 -9.35
N ASN A 72 -11.57 13.05 -10.64
CA ASN A 72 -10.52 13.17 -11.62
C ASN A 72 -10.14 14.65 -11.87
N PRO A 73 -8.88 15.02 -11.59
CA PRO A 73 -8.46 16.42 -11.80
C PRO A 73 -8.49 16.85 -13.26
N ARG A 74 -8.49 15.89 -14.18
CA ARG A 74 -8.53 16.25 -15.59
C ARG A 74 -9.65 15.51 -16.27
N PRO A 75 -10.87 16.06 -16.19
CA PRO A 75 -12.10 15.43 -16.67
C PRO A 75 -11.96 14.95 -18.10
N GLY A 76 -12.40 13.72 -18.35
CA GLY A 76 -12.42 13.16 -19.70
C GLY A 76 -11.13 12.49 -20.13
N THR A 77 -10.14 12.43 -19.24
CA THR A 77 -8.84 11.86 -19.57
C THR A 77 -8.43 10.82 -18.55
N ILE A 78 -7.53 9.94 -18.97
CA ILE A 78 -6.84 9.03 -18.06
C ILE A 78 -5.37 9.03 -18.46
N ILE A 79 -4.46 9.14 -17.49
CA ILE A 79 -3.02 9.07 -17.75
C ILE A 79 -2.41 7.92 -16.94
N ASN A 80 -1.32 7.34 -17.42
CA ASN A 80 -0.73 6.16 -16.77
C ASN A 80 0.72 6.44 -16.35
N SER A 81 1.11 7.70 -16.40
CA SER A 81 2.41 8.16 -15.90
C SER A 81 2.28 9.66 -15.66
N PRO A 82 3.15 10.24 -14.81
CA PRO A 82 2.93 11.62 -14.37
C PRO A 82 2.84 12.64 -15.51
N HIS A 83 3.60 12.44 -16.57
CA HIS A 83 3.55 13.35 -17.72
C HIS A 83 3.04 12.65 -18.96
N GLY A 84 2.32 11.55 -18.76
CA GLY A 84 1.80 10.79 -19.88
C GLY A 84 0.70 11.50 -20.63
N LYS A 85 0.55 11.12 -21.89
CA LYS A 85 -0.56 11.59 -22.71
C LYS A 85 -1.84 10.87 -22.29
N ASP A 86 -2.97 11.47 -22.61
N ASP A 86 -2.98 11.43 -22.68
CA ASP A 86 -4.24 10.78 -22.41
CA ASP A 86 -4.29 10.83 -22.42
C ASP A 86 -4.17 9.44 -23.11
C ASP A 86 -4.48 9.49 -23.16
N VAL A 87 -4.57 8.40 -22.41
CA VAL A 87 -4.69 7.07 -23.02
C VAL A 87 -6.15 6.60 -23.13
N TYR A 88 -7.10 7.44 -22.71
CA TYR A 88 -8.49 7.02 -22.74
C TYR A 88 -9.13 7.18 -24.11
N GLN A 89 -8.77 8.23 -24.84
CA GLN A 89 -9.40 8.50 -26.12
C GLN A 89 -9.15 7.36 -27.09
N GLY A 90 -10.21 6.84 -27.69
CA GLY A 90 -10.04 5.81 -28.70
C GLY A 90 -10.23 4.41 -28.16
N VAL A 91 -10.20 4.25 -26.84
CA VAL A 91 -10.38 2.92 -26.28
C VAL A 91 -11.82 2.46 -26.45
N PRO A 92 -12.03 1.29 -27.06
CA PRO A 92 -13.41 0.84 -27.29
C PRO A 92 -14.07 0.40 -26.00
N LYS A 93 -15.38 0.63 -25.93
CA LYS A 93 -16.15 0.25 -24.75
C LYS A 93 -16.77 -1.12 -24.98
N ASP A 94 -15.94 -2.16 -25.01
CA ASP A 94 -16.46 -3.48 -25.34
C ASP A 94 -17.32 -4.01 -24.19
N TYR A 95 -16.73 -4.05 -23.00
CA TYR A 95 -17.43 -4.54 -21.83
C TYR A 95 -17.16 -3.55 -20.71
N THR A 96 -18.20 -2.80 -20.34
CA THR A 96 -18.08 -1.80 -19.28
C THR A 96 -19.17 -1.97 -18.25
N GLY A 97 -19.06 -1.23 -17.15
CA GLY A 97 -20.03 -1.34 -16.08
C GLY A 97 -20.25 -2.79 -15.67
N ASP A 98 -21.51 -3.17 -15.51
CA ASP A 98 -21.79 -4.50 -14.99
C ASP A 98 -21.60 -5.58 -16.04
N ASP A 99 -21.22 -5.19 -17.25
CA ASP A 99 -20.84 -6.16 -18.26
C ASP A 99 -19.40 -6.67 -18.05
N VAL A 100 -18.68 -6.07 -17.11
CA VAL A 100 -17.37 -6.59 -16.74
C VAL A 100 -17.58 -7.71 -15.74
N ASN A 101 -17.80 -8.91 -16.26
CA ASN A 101 -18.10 -10.04 -15.40
C ASN A 101 -17.46 -11.30 -15.95
N VAL A 102 -17.36 -12.31 -15.10
CA VAL A 102 -16.61 -13.51 -15.44
C VAL A 102 -17.24 -14.24 -16.64
N ASP A 103 -18.56 -14.29 -16.71
CA ASP A 103 -19.19 -14.99 -17.84
C ASP A 103 -18.82 -14.35 -19.17
N ASN A 104 -18.81 -13.02 -19.22
CA ASN A 104 -18.40 -12.35 -20.46
C ASN A 104 -16.93 -12.54 -20.75
N LEU A 105 -16.09 -12.48 -19.72
CA LEU A 105 -14.66 -12.70 -19.90
C LEU A 105 -14.39 -14.06 -20.53
N PHE A 106 -15.05 -15.10 -20.01
CA PHE A 106 -14.84 -16.46 -20.52
C PHE A 106 -15.39 -16.61 -21.94
N ALA A 107 -16.56 -16.04 -22.20
CA ALA A 107 -17.12 -16.07 -23.55
C ALA A 107 -16.15 -15.41 -24.53
N VAL A 108 -15.57 -14.29 -24.11
CA VAL A 108 -14.62 -13.59 -24.95
C VAL A 108 -13.38 -14.45 -25.23
N ILE A 109 -12.79 -14.99 -24.17
CA ILE A 109 -11.58 -15.79 -24.36
C ILE A 109 -11.87 -17.00 -25.25
N LEU A 110 -13.03 -17.63 -25.08
CA LEU A 110 -13.38 -18.81 -25.86
C LEU A 110 -13.87 -18.50 -27.27
N GLY A 111 -14.08 -17.22 -27.57
CA GLY A 111 -14.53 -16.80 -28.90
C GLY A 111 -15.98 -17.17 -29.18
N ASP A 112 -16.80 -17.17 -28.14
CA ASP A 112 -18.21 -17.58 -28.25
C ASP A 112 -19.18 -16.40 -28.10
N LYS A 113 -19.55 -15.80 -29.22
CA LYS A 113 -20.44 -14.64 -29.21
C LYS A 113 -21.80 -14.99 -28.60
N THR A 114 -22.25 -16.23 -28.79
CA THR A 114 -23.57 -16.62 -28.30
C THR A 114 -23.60 -16.79 -26.78
N ALA A 115 -22.45 -16.74 -26.12
CA ALA A 115 -22.39 -16.83 -24.66
C ALA A 115 -22.23 -15.47 -23.99
N VAL A 116 -22.07 -14.42 -24.79
CA VAL A 116 -21.94 -13.06 -24.28
C VAL A 116 -23.30 -12.52 -23.83
N LYS A 117 -23.33 -11.73 -22.77
CA LYS A 117 -24.54 -11.05 -22.30
C LYS A 117 -24.27 -9.57 -22.09
N GLY A 118 -24.74 -8.76 -23.04
N GLY A 118 -24.70 -8.72 -23.02
CA GLY A 118 -24.51 -7.32 -23.03
CA GLY A 118 -24.46 -7.29 -22.86
C GLY A 118 -23.24 -7.02 -23.79
C GLY A 118 -23.00 -6.93 -23.09
N GLY A 119 -22.78 -5.78 -23.71
CA GLY A 119 -21.49 -5.40 -24.22
C GLY A 119 -21.48 -5.44 -25.73
N SER A 120 -20.30 -5.28 -26.32
CA SER A 120 -20.21 -5.12 -27.76
C SER A 120 -20.39 -6.42 -28.52
N GLY A 121 -20.16 -7.57 -27.88
CA GLY A 121 -20.19 -8.85 -28.56
C GLY A 121 -18.88 -9.23 -29.23
N LYS A 122 -17.89 -8.36 -29.12
CA LYS A 122 -16.54 -8.68 -29.62
C LYS A 122 -15.96 -9.83 -28.81
N VAL A 123 -15.43 -10.84 -29.48
CA VAL A 123 -14.83 -11.98 -28.81
C VAL A 123 -13.55 -12.42 -29.53
N VAL A 124 -12.76 -13.28 -28.89
CA VAL A 124 -11.56 -13.79 -29.55
C VAL A 124 -11.91 -15.04 -30.36
N ASP A 125 -12.60 -14.83 -31.48
CA ASP A 125 -12.95 -15.93 -32.41
C ASP A 125 -11.74 -16.20 -33.29
N SER A 126 -10.72 -16.77 -32.66
CA SER A 126 -9.40 -16.92 -33.26
C SER A 126 -9.22 -18.23 -34.01
N GLY A 127 -8.19 -18.27 -34.86
CA GLY A 127 -7.83 -19.48 -35.57
C GLY A 127 -6.59 -20.14 -35.00
N PRO A 128 -6.28 -21.36 -35.46
CA PRO A 128 -5.22 -22.18 -34.88
C PRO A 128 -3.80 -21.64 -35.10
N ASN A 129 -3.64 -20.65 -35.97
CA ASN A 129 -2.33 -20.08 -36.21
C ASN A 129 -2.17 -18.68 -35.64
N ASP A 130 -3.15 -18.28 -34.84
CA ASP A 130 -3.16 -16.94 -34.25
C ASP A 130 -2.40 -16.87 -32.93
N HIS A 131 -2.01 -15.65 -32.57
CA HIS A 131 -1.44 -15.39 -31.25
C HIS A 131 -2.45 -14.62 -30.39
N ILE A 132 -2.42 -14.87 -29.09
CA ILE A 132 -3.31 -14.19 -28.16
C ILE A 132 -2.50 -13.65 -27.00
N PHE A 133 -2.78 -12.41 -26.60
CA PHE A 133 -2.16 -11.76 -25.46
C PHE A 133 -3.27 -11.37 -24.48
N ILE A 134 -3.17 -11.81 -23.23
CA ILE A 134 -4.13 -11.41 -22.21
C ILE A 134 -3.39 -10.63 -21.12
N PHE A 135 -3.92 -9.49 -20.74
CA PHE A 135 -3.36 -8.67 -19.68
C PHE A 135 -4.46 -8.33 -18.70
N TYR A 136 -4.27 -8.75 -17.46
CA TYR A 136 -5.18 -8.43 -16.37
C TYR A 136 -4.47 -7.55 -15.35
N SER A 137 -5.16 -6.52 -14.88
CA SER A 137 -4.67 -5.68 -13.80
C SER A 137 -5.77 -5.34 -12.82
C SNN A 138 -5.80 -5.82 -9.09
CA SNN A 138 -6.31 -5.34 -10.43
N SNN A 138 -5.42 -5.61 -11.57
C4 SNN A 138 -7.83 -5.53 -10.46
C5 SNN A 138 -8.09 -6.05 -9.07
O SNN A 138 -4.62 -5.80 -8.81
O5 SNN A 138 -9.20 -6.34 -8.65
N HIS A 139 -6.92 -6.17 -8.43
CA HIS A 139 -6.68 -6.66 -7.08
C HIS A 139 -6.72 -8.17 -7.09
N GLY A 140 -6.07 -8.77 -6.11
CA GLY A 140 -6.00 -10.21 -6.04
C GLY A 140 -5.63 -10.66 -4.64
N GLY A 141 -5.88 -11.93 -4.38
CA GLY A 141 -5.40 -12.59 -3.17
C GLY A 141 -5.07 -14.01 -3.56
N PRO A 142 -4.67 -14.83 -2.58
CA PRO A 142 -4.38 -16.23 -2.92
C PRO A 142 -5.56 -16.90 -3.60
N GLY A 143 -5.37 -17.29 -4.85
CA GLY A 143 -6.36 -18.04 -5.59
C GLY A 143 -7.52 -17.25 -6.17
N VAL A 144 -7.45 -15.93 -6.09
CA VAL A 144 -8.59 -15.13 -6.53
C VAL A 144 -8.18 -13.78 -7.09
N LEU A 145 -8.88 -13.40 -8.16
CA LEU A 145 -8.70 -12.10 -8.81
C LEU A 145 -9.99 -11.31 -8.71
N GLY A 146 -9.86 -10.00 -8.54
CA GLY A 146 -11.04 -9.17 -8.44
C GLY A 146 -11.84 -9.04 -9.71
N MET A 147 -13.12 -8.76 -9.55
CA MET A 147 -13.99 -8.28 -10.64
C MET A 147 -14.87 -7.21 -10.01
N PRO A 148 -15.36 -6.27 -10.83
CA PRO A 148 -16.21 -5.21 -10.27
C PRO A 148 -17.66 -5.65 -10.12
N THR A 149 -17.88 -6.91 -10.45
CA THR A 149 -19.17 -7.56 -10.27
C THR A 149 -18.95 -8.90 -9.60
N SER A 150 -19.99 -9.45 -8.99
N SER A 150 -19.99 -9.43 -8.98
N SER A 150 -19.98 -9.43 -8.98
CA SER A 150 -19.96 -10.83 -8.54
CA SER A 150 -20.01 -10.82 -8.53
CA SER A 150 -19.99 -10.82 -8.53
C SER A 150 -20.27 -11.74 -9.71
C SER A 150 -20.27 -11.73 -9.73
C SER A 150 -20.25 -11.72 -9.74
N PRO A 151 -19.56 -12.87 -9.81
CA PRO A 151 -18.54 -13.38 -8.88
C PRO A 151 -17.11 -12.92 -9.18
N TYR A 152 -16.25 -13.14 -8.21
CA TYR A 152 -14.82 -12.91 -8.42
C TYR A 152 -14.26 -13.96 -9.38
N LEU A 153 -13.05 -13.72 -9.86
CA LEU A 153 -12.39 -14.59 -10.82
C LEU A 153 -11.43 -15.55 -10.11
N TYR A 154 -11.85 -16.79 -9.95
CA TYR A 154 -11.09 -17.75 -9.18
C TYR A 154 -10.06 -18.49 -10.03
N ALA A 155 -8.91 -18.80 -9.44
CA ALA A 155 -7.78 -19.41 -10.14
C ALA A 155 -8.15 -20.69 -10.88
N ASN A 156 -8.93 -21.56 -10.23
N ASN A 156 -8.92 -21.57 -10.23
CA ASN A 156 -9.27 -22.83 -10.87
CA ASN A 156 -9.29 -22.83 -10.87
C ASN A 156 -10.17 -22.61 -12.08
C ASN A 156 -10.16 -22.59 -12.10
N ASP A 157 -11.07 -21.63 -11.99
CA ASP A 157 -11.97 -21.32 -13.10
C ASP A 157 -11.20 -20.72 -14.28
N LEU A 158 -10.24 -19.85 -13.98
CA LEU A 158 -9.45 -19.24 -15.04
C LEU A 158 -8.59 -20.28 -15.74
N ASN A 159 -7.97 -21.17 -14.97
CA ASN A 159 -7.15 -22.19 -15.58
C ASN A 159 -7.98 -23.18 -16.37
N ASP A 160 -9.19 -23.46 -15.88
CA ASP A 160 -10.10 -24.32 -16.64
C ASP A 160 -10.44 -23.71 -17.99
N VAL A 161 -10.69 -22.41 -18.05
N VAL A 161 -10.67 -22.39 -18.05
CA VAL A 161 -11.03 -21.82 -19.34
CA VAL A 161 -11.05 -21.77 -19.32
C VAL A 161 -9.84 -21.88 -20.28
C VAL A 161 -9.87 -21.69 -20.28
N LEU A 162 -8.64 -21.64 -19.75
CA LEU A 162 -7.46 -21.69 -20.60
C LEU A 162 -7.28 -23.09 -21.16
N LYS A 163 -7.56 -24.11 -20.34
CA LYS A 163 -7.51 -25.49 -20.81
C LYS A 163 -8.54 -25.74 -21.89
N LYS A 164 -9.73 -25.17 -21.70
N LYS A 164 -9.73 -25.21 -21.69
CA LYS A 164 -10.82 -25.30 -22.66
CA LYS A 164 -10.79 -25.33 -22.70
C LYS A 164 -10.49 -24.62 -24.00
C LYS A 164 -10.35 -24.71 -24.01
N LYS A 165 -9.79 -23.50 -23.94
CA LYS A 165 -9.35 -22.80 -25.15
C LYS A 165 -8.32 -23.65 -25.89
N HIS A 166 -7.40 -24.23 -25.13
CA HIS A 166 -6.40 -25.11 -25.74
C HIS A 166 -7.07 -26.33 -26.39
N ALA A 167 -8.10 -26.86 -25.73
CA ALA A 167 -8.86 -27.99 -26.31
C ALA A 167 -9.56 -27.58 -27.61
N LEU A 168 -10.06 -26.36 -27.69
CA LEU A 168 -10.63 -25.82 -28.94
C LEU A 168 -9.56 -25.74 -30.02
N GLY A 169 -8.31 -25.56 -29.61
CA GLY A 169 -7.19 -25.52 -30.52
C GLY A 169 -7.05 -24.20 -31.29
N THR A 170 -7.74 -23.16 -30.83
CA THR A 170 -7.85 -21.94 -31.61
C THR A 170 -6.79 -20.87 -31.29
N TYR A 171 -5.54 -21.31 -31.17
CA TYR A 171 -4.39 -20.41 -31.11
C TYR A 171 -3.14 -21.24 -31.27
N LYS A 172 -2.07 -20.60 -31.73
CA LYS A 172 -0.76 -21.20 -31.83
C LYS A 172 -0.04 -21.06 -30.48
N SER A 173 -0.10 -19.86 -29.94
N SER A 173 -0.07 -19.86 -29.93
CA SER A 173 0.54 -19.53 -28.66
CA SER A 173 0.48 -19.62 -28.61
C SER A 173 -0.20 -18.40 -27.97
C SER A 173 -0.23 -18.43 -27.96
N LEU A 174 -0.18 -18.38 -26.64
CA LEU A 174 -0.91 -17.40 -25.85
C LEU A 174 0.00 -16.92 -24.74
N VAL A 175 0.00 -15.61 -24.51
CA VAL A 175 0.81 -15.02 -23.46
C VAL A 175 -0.13 -14.32 -22.51
N PHE A 176 0.10 -14.51 -21.22
CA PHE A 176 -0.71 -13.92 -20.16
C PHE A 176 0.18 -13.09 -19.23
N TYR A 177 -0.12 -11.78 -19.09
CA TYR A 177 0.55 -10.92 -18.12
C TYR A 177 -0.46 -10.60 -17.03
N LEU A 178 -0.06 -10.77 -15.77
CA LEU A 178 -0.99 -10.67 -14.66
C LEU A 178 -0.48 -9.77 -13.55
N GLU A 179 -1.23 -8.71 -13.25
CA GLU A 179 -0.90 -7.74 -12.21
C GLU A 179 -1.92 -7.83 -11.08
N ALA A 180 -1.48 -8.31 -9.91
CA ALA A 180 -2.33 -8.40 -8.70
C ALA A 180 -1.49 -8.85 -7.52
N CYS A 181 -1.97 -8.57 -6.31
CA CYS A 181 -1.37 -9.15 -5.12
C CYS A 181 -1.45 -10.66 -5.14
N GLU A 182 -0.38 -11.31 -4.70
CA GLU A 182 -0.29 -12.78 -4.62
C GLU A 182 -0.59 -13.43 -5.98
N SER A 183 -0.29 -12.72 -7.05
CA SER A 183 -0.67 -13.16 -8.39
C SER A 183 -0.03 -14.49 -8.82
N GLY A 184 1.17 -14.79 -8.32
CA GLY A 184 1.78 -16.09 -8.60
C GLY A 184 0.85 -17.24 -8.26
N SER A 185 0.00 -17.04 -7.27
CA SER A 185 -0.94 -18.06 -6.82
C SER A 185 -1.93 -18.48 -7.88
N ILE A 186 -2.13 -17.63 -8.88
CA ILE A 186 -3.14 -17.91 -9.91
C ILE A 186 -2.67 -19.00 -10.87
N PHE A 187 -1.35 -19.13 -11.04
CA PHE A 187 -0.83 -20.08 -12.01
C PHE A 187 0.09 -21.14 -11.41
N GLU A 188 0.67 -20.85 -10.25
CA GLU A 188 1.66 -21.77 -9.68
C GLU A 188 1.06 -23.13 -9.36
N GLY A 189 1.59 -24.17 -10.00
CA GLY A 189 1.06 -25.51 -9.83
C GLY A 189 -0.31 -25.74 -10.45
N LEU A 190 -0.82 -24.76 -11.17
CA LEU A 190 -2.15 -24.88 -11.77
C LEU A 190 -2.10 -24.82 -13.28
N LEU A 191 -1.21 -23.97 -13.81
CA LEU A 191 -1.01 -23.86 -15.24
C LEU A 191 -0.02 -24.92 -15.68
N PRO A 192 -0.49 -25.94 -16.42
CA PRO A 192 0.41 -26.99 -16.87
C PRO A 192 1.28 -26.53 -18.03
N GLU A 193 2.38 -27.23 -18.23
CA GLU A 193 3.12 -27.13 -19.47
C GLU A 193 2.27 -27.80 -20.54
N GLY A 194 2.57 -27.53 -21.81
CA GLY A 194 1.90 -28.21 -22.89
C GLY A 194 0.63 -27.57 -23.42
N LEU A 195 0.28 -26.39 -22.91
CA LEU A 195 -0.87 -25.66 -23.44
C LEU A 195 -0.45 -24.59 -24.41
N ASN A 196 0.85 -24.46 -24.63
CA ASN A 196 1.40 -23.38 -25.46
C ASN A 196 1.00 -22.03 -24.88
N ILE A 197 0.99 -21.98 -23.56
CA ILE A 197 0.71 -20.76 -22.83
C ILE A 197 1.93 -20.38 -22.00
N TYR A 198 2.37 -19.13 -22.15
CA TYR A 198 3.42 -18.57 -21.31
C TYR A 198 2.81 -17.45 -20.46
N ALA A 199 3.01 -17.50 -19.14
CA ALA A 199 2.43 -16.49 -18.27
C ALA A 199 3.47 -15.90 -17.34
N THR A 200 3.37 -14.60 -17.07
CA THR A 200 4.17 -14.02 -15.99
C THR A 200 3.26 -13.25 -15.05
N THR A 201 3.72 -13.14 -13.80
CA THR A 201 2.95 -12.50 -12.74
C THR A 201 3.81 -11.46 -12.04
N ALA A 202 3.15 -10.42 -11.55
CA ALA A 202 3.83 -9.32 -10.88
C ALA A 202 4.52 -9.77 -9.60
N SER A 203 3.97 -10.81 -8.96
CA SER A 203 4.45 -11.21 -7.64
C SER A 203 4.43 -12.70 -7.47
N ASN A 204 5.03 -13.19 -6.40
CA ASN A 204 4.88 -14.61 -6.07
C ASN A 204 3.52 -14.85 -5.41
N ALA A 205 3.32 -16.05 -4.86
CA ALA A 205 2.00 -16.40 -4.32
C ALA A 205 1.72 -15.90 -2.91
N GLU A 206 2.70 -15.22 -2.30
CA GLU A 206 2.58 -14.88 -0.89
C GLU A 206 2.87 -13.42 -0.55
N GLU A 207 3.01 -12.59 -1.58
CA GLU A 207 3.40 -11.20 -1.36
C GLU A 207 2.55 -10.23 -2.18
N SER A 208 2.57 -8.97 -1.77
CA SER A 208 1.88 -7.91 -2.49
C SER A 208 2.51 -7.56 -3.82
N SER A 209 1.72 -6.99 -4.72
CA SER A 209 2.29 -6.25 -5.86
C SER A 209 1.92 -4.81 -5.62
N TRP A 210 2.62 -3.89 -6.28
CA TRP A 210 2.54 -2.49 -5.89
C TRP A 210 2.10 -1.56 -6.99
N GLY A 211 1.32 -0.56 -6.59
CA GLY A 211 1.07 0.59 -7.45
C GLY A 211 2.36 1.38 -7.61
N THR A 212 2.35 2.27 -8.59
CA THR A 212 3.45 3.21 -8.75
C THR A 212 2.91 4.55 -9.28
N TYR A 213 3.77 5.57 -9.30
CA TYR A 213 3.36 6.94 -9.65
C TYR A 213 2.30 7.36 -8.63
N CYS A 214 2.69 7.32 -7.36
CA CYS A 214 1.82 7.53 -6.21
C CYS A 214 2.09 8.84 -5.51
N PRO A 215 1.04 9.44 -4.91
CA PRO A 215 1.23 10.68 -4.14
C PRO A 215 2.33 10.53 -3.09
N GLY A 216 3.27 11.48 -3.05
CA GLY A 216 4.33 11.45 -2.06
C GLY A 216 5.53 10.64 -2.45
N GLU A 217 5.45 9.93 -3.57
CA GLU A 217 6.56 9.12 -4.04
C GLU A 217 7.13 9.75 -5.30
N GLU A 218 8.35 9.37 -5.66
CA GLU A 218 8.99 9.94 -6.83
C GLU A 218 9.07 8.91 -7.96
N PRO A 219 8.54 9.24 -9.13
CA PRO A 219 7.86 10.51 -9.42
C PRO A 219 6.39 10.49 -9.02
N SER A 220 5.86 11.64 -8.63
N SER A 220 5.86 11.63 -8.61
CA SER A 220 4.49 11.74 -8.15
CA SER A 220 4.47 11.73 -8.13
C SER A 220 3.52 12.12 -9.26
C SER A 220 3.53 12.10 -9.26
N PRO A 221 2.23 11.81 -9.09
CA PRO A 221 1.23 12.29 -10.04
C PRO A 221 1.09 13.79 -9.88
N PRO A 222 0.38 14.44 -10.81
CA PRO A 222 0.12 15.88 -10.65
C PRO A 222 -0.66 16.17 -9.38
N PRO A 223 -0.66 17.42 -8.93
CA PRO A 223 -1.42 17.78 -7.73
C PRO A 223 -2.89 17.37 -7.77
N GLU A 224 -3.37 16.94 -6.61
CA GLU A 224 -4.77 16.63 -6.32
C GLU A 224 -5.25 15.28 -6.85
N TYR A 225 -4.40 14.55 -7.57
CA TYR A 225 -4.80 13.22 -8.02
C TYR A 225 -5.12 12.30 -6.83
N GLU A 226 -4.26 12.32 -5.83
CA GLU A 226 -4.41 11.53 -4.61
C GLU A 226 -4.74 10.06 -4.88
N THR A 227 -4.24 9.57 -6.00
CA THR A 227 -4.35 8.15 -6.33
C THR A 227 -3.16 7.82 -7.22
N CYS A 228 -2.71 6.57 -7.21
CA CYS A 228 -1.58 6.17 -8.04
C CYS A 228 -1.99 6.07 -9.51
N LEU A 229 -1.08 6.40 -10.42
CA LEU A 229 -1.47 6.40 -11.84
C LEU A 229 -1.30 5.05 -12.55
N GLY A 230 -0.50 4.17 -11.95
CA GLY A 230 -0.27 2.87 -12.57
C GLY A 230 0.18 1.84 -11.57
N ASP A 231 0.58 0.69 -12.07
CA ASP A 231 1.14 -0.37 -11.25
C ASP A 231 2.52 -0.72 -11.77
N LEU A 232 3.45 -1.06 -10.88
CA LEU A 232 4.86 -1.13 -11.27
C LEU A 232 5.13 -2.19 -12.32
N TYR A 233 4.65 -3.41 -12.12
CA TYR A 233 4.86 -4.47 -13.13
C TYR A 233 4.23 -4.09 -14.46
N SER A 234 3.03 -3.49 -14.38
CA SER A 234 2.30 -3.12 -15.58
C SER A 234 3.04 -2.05 -16.37
N VAL A 235 3.40 -0.94 -15.73
CA VAL A 235 4.09 0.10 -16.49
C VAL A 235 5.50 -0.36 -16.86
N ALA A 236 6.05 -1.31 -16.12
CA ALA A 236 7.37 -1.81 -16.45
C ALA A 236 7.36 -2.42 -17.84
N TRP A 237 6.36 -3.24 -18.15
CA TRP A 237 6.38 -3.89 -19.46
C TRP A 237 5.90 -2.91 -20.54
N MET A 238 4.96 -2.03 -20.22
CA MET A 238 4.40 -1.16 -21.24
C MET A 238 5.40 -0.08 -21.63
N GLU A 239 6.14 0.44 -20.66
CA GLU A 239 7.13 1.47 -20.94
C GLU A 239 8.36 0.86 -21.64
N ASP A 240 8.63 -0.41 -21.34
CA ASP A 240 9.73 -1.13 -21.99
C ASP A 240 9.42 -1.38 -23.46
N SER A 241 8.20 -1.84 -23.72
CA SER A 241 7.76 -2.07 -25.09
C SER A 241 7.83 -0.80 -25.92
N GLY A 242 7.59 0.33 -25.27
CA GLY A 242 7.62 1.63 -25.93
C GLY A 242 9.00 2.11 -26.35
N MET A 243 10.02 1.70 -25.62
CA MET A 243 11.38 2.18 -25.88
C MET A 243 12.31 1.08 -26.40
N LEU B 1 17.83 0.26 -31.82
CA LEU B 1 16.96 -0.66 -32.56
C LEU B 1 17.45 -2.09 -32.39
N GLN B 2 16.58 -2.94 -31.85
CA GLN B 2 16.93 -4.34 -31.62
C GLN B 2 15.71 -5.20 -31.40
N THR B 3 15.85 -6.49 -31.62
CA THR B 3 14.79 -7.43 -31.35
C THR B 3 14.66 -7.66 -29.86
N GLU B 4 13.43 -7.78 -29.37
CA GLU B 4 13.23 -8.10 -27.97
C GLU B 4 12.33 -9.32 -27.87
N THR B 5 12.74 -10.29 -27.06
CA THR B 5 11.92 -11.47 -26.83
C THR B 5 11.06 -11.32 -25.57
N LEU B 6 10.10 -12.23 -25.42
CA LEU B 6 9.35 -12.35 -24.18
C LEU B 6 10.27 -12.57 -22.99
N HIS B 7 11.29 -13.41 -23.19
CA HIS B 7 12.25 -13.66 -22.10
C HIS B 7 12.98 -12.38 -21.69
N GLN B 8 13.42 -11.60 -22.68
CA GLN B 8 14.12 -10.36 -22.36
C GLN B 8 13.20 -9.37 -21.65
N GLN B 9 11.93 -9.29 -22.05
CA GLN B 9 11.03 -8.39 -21.36
C GLN B 9 10.79 -8.85 -19.93
N TYR B 10 10.62 -10.17 -19.76
CA TYR B 10 10.45 -10.73 -18.42
C TYR B 10 11.63 -10.35 -17.52
N GLU B 11 12.85 -10.47 -18.04
CA GLU B 11 14.04 -10.10 -17.25
C GLU B 11 14.05 -8.62 -16.88
N LEU B 12 13.69 -7.77 -17.84
CA LEU B 12 13.65 -6.32 -17.61
C LEU B 12 12.58 -5.96 -16.59
N VAL B 13 11.41 -6.56 -16.73
CA VAL B 13 10.28 -6.29 -15.84
C VAL B 13 10.60 -6.80 -14.42
N LYS B 14 11.17 -8.00 -14.35
CA LYS B 14 11.62 -8.57 -13.08
C LYS B 14 12.58 -7.61 -12.37
N ARG B 15 13.56 -7.09 -13.11
CA ARG B 15 14.54 -6.18 -12.52
C ARG B 15 13.92 -4.89 -11.98
N ARG B 16 13.01 -4.30 -12.75
CA ARG B 16 12.43 -3.03 -12.33
C ARG B 16 11.51 -3.19 -11.12
N THR B 17 10.86 -4.35 -11.04
CA THR B 17 9.84 -4.64 -10.04
C THR B 17 10.44 -5.16 -8.72
N ALA B 18 11.66 -5.71 -8.79
CA ALA B 18 12.32 -6.30 -7.61
C ALA B 18 12.58 -5.29 -6.49
N PRO B 19 12.53 -5.75 -5.23
CA PRO B 19 12.86 -4.86 -4.13
C PRO B 19 14.31 -4.42 -4.18
N VAL B 20 14.58 -3.19 -3.78
CA VAL B 20 15.95 -2.73 -3.61
C VAL B 20 16.02 -2.10 -2.22
N GLY B 21 17.10 -2.37 -1.51
CA GLY B 21 17.25 -1.88 -0.16
C GLY B 21 16.18 -2.47 0.74
N TYR B 22 15.64 -3.62 0.33
CA TYR B 22 14.73 -4.41 1.14
C TYR B 22 13.46 -3.64 1.52
N SER B 23 13.01 -2.79 0.59
CA SER B 23 11.82 -1.99 0.73
C SER B 23 10.91 -2.19 -0.47
N TYR B 24 9.60 -2.37 -0.21
CA TYR B 24 8.60 -2.60 -1.25
C TYR B 24 9.02 -3.70 -2.19
N GLY B 25 8.68 -3.56 -3.47
CA GLY B 25 9.09 -4.52 -4.49
C GLY B 25 8.28 -5.81 -4.51
N SER B 26 8.42 -6.57 -5.59
CA SER B 26 7.86 -7.91 -5.65
C SER B 26 8.69 -8.74 -6.60
N HIS B 27 8.43 -10.04 -6.58
CA HIS B 27 9.23 -11.01 -7.32
C HIS B 27 8.46 -11.57 -8.51
N VAL B 28 8.80 -11.07 -9.69
CA VAL B 28 8.10 -11.46 -10.91
C VAL B 28 8.37 -12.94 -11.19
N MET B 29 7.33 -13.67 -11.56
N MET B 29 7.32 -13.67 -11.54
CA MET B 29 7.40 -15.12 -11.73
CA MET B 29 7.42 -15.11 -11.78
C MET B 29 6.84 -15.54 -13.08
C MET B 29 7.02 -15.40 -13.21
N GLN B 30 7.41 -16.58 -13.69
CA GLN B 30 6.93 -17.07 -14.97
C GLN B 30 6.43 -18.49 -14.85
N TYR B 31 5.43 -18.82 -15.67
CA TYR B 31 4.72 -20.09 -15.58
C TYR B 31 4.36 -20.62 -16.96
N GLY B 32 4.03 -21.89 -17.02
CA GLY B 32 3.61 -22.50 -18.27
C GLY B 32 4.77 -23.00 -19.11
N ASP B 33 4.68 -22.79 -20.41
CA ASP B 33 5.71 -23.22 -21.36
C ASP B 33 6.75 -22.14 -21.52
N VAL B 34 7.79 -22.21 -20.70
CA VAL B 34 8.80 -21.15 -20.69
C VAL B 34 9.57 -21.10 -22.02
N GLY B 35 9.60 -22.23 -22.73
CA GLY B 35 10.21 -22.27 -24.05
C GLY B 35 9.66 -21.24 -25.03
N ILE B 36 8.38 -20.92 -24.88
CA ILE B 36 7.73 -19.89 -25.69
C ILE B 36 8.41 -18.53 -25.55
N SER B 37 9.07 -18.30 -24.42
CA SER B 37 9.59 -16.96 -24.13
C SER B 37 10.75 -16.59 -25.06
N LYS B 38 11.19 -17.54 -25.89
CA LYS B 38 12.16 -17.18 -26.93
C LYS B 38 11.49 -16.37 -28.05
N ASP B 39 10.17 -16.35 -28.06
CA ASP B 39 9.44 -15.62 -29.11
C ASP B 39 9.70 -14.11 -29.08
N ASN B 40 9.86 -13.52 -30.25
CA ASN B 40 9.92 -12.07 -30.41
C ASN B 40 8.61 -11.45 -29.91
N LEU B 41 8.69 -10.37 -29.16
CA LEU B 41 7.51 -9.67 -28.67
C LEU B 41 6.57 -9.28 -29.81
N ASP B 42 7.13 -9.01 -30.98
CA ASP B 42 6.33 -8.58 -32.13
C ASP B 42 5.24 -9.60 -32.50
N LEU B 43 5.47 -10.87 -32.21
CA LEU B 43 4.48 -11.91 -32.50
C LEU B 43 3.19 -11.73 -31.70
N TYR B 44 3.26 -10.99 -30.59
CA TYR B 44 2.10 -10.76 -29.73
C TYR B 44 1.65 -9.30 -29.69
N MET B 45 2.61 -8.37 -29.74
CA MET B 45 2.32 -6.96 -29.55
C MET B 45 2.58 -6.11 -30.79
N GLY B 46 3.03 -6.75 -31.86
CA GLY B 46 3.32 -6.03 -33.08
C GLY B 46 4.59 -5.19 -32.99
N THR B 47 4.75 -4.32 -33.97
CA THR B 47 5.93 -3.47 -34.11
C THR B 47 5.47 -2.04 -34.36
N ASN B 48 5.84 -1.14 -33.46
CA ASN B 48 5.68 0.28 -33.69
C ASN B 48 6.96 0.79 -34.33
N PRO B 49 6.92 1.08 -35.63
CA PRO B 49 8.17 1.34 -36.37
C PRO B 49 8.91 2.57 -35.85
N ALA B 50 8.18 3.53 -35.27
CA ALA B 50 8.76 4.68 -34.59
C ALA B 50 9.88 5.36 -35.38
C ACE C 1 3.04 4.86 -0.60
O ACE C 1 2.29 5.56 -1.25
CH3 ACE C 1 3.74 5.37 0.64
N TYR C 2 3.43 3.66 -1.03
CA TYR C 2 2.80 3.05 -2.19
C TYR C 2 1.56 2.25 -1.81
N VAL C 3 0.59 2.20 -2.71
CA VAL C 3 -0.62 1.42 -2.49
CA VAL C 3 -0.60 1.41 -2.46
C VAL C 3 -0.39 0.00 -3.01
N ALA C 4 -0.93 -0.98 -2.31
CA ALA C 4 -0.82 -2.36 -2.79
C ALA C 4 -2.03 -2.79 -3.62
N ASP C 5 -1.86 -3.90 -4.33
CA ASP C 5 -2.90 -4.50 -5.16
C ASP C 5 -3.46 -5.79 -4.54
C1 0QE C 6 -3.11 -6.18 -3.13
N PHE D 16 0.08 3.78 45.53
CA PHE D 16 -0.58 4.54 44.47
C PHE D 16 0.43 5.33 43.64
N GLN D 17 -0.09 6.13 42.71
CA GLN D 17 0.70 6.80 41.68
C GLN D 17 1.83 7.72 42.17
N SER D 18 3.07 7.34 41.88
CA SER D 18 4.23 8.17 42.17
C SER D 18 4.86 8.72 40.90
N GLY D 19 5.33 9.97 40.96
CA GLY D 19 5.99 10.57 39.81
C GLY D 19 5.04 11.21 38.83
N THR D 20 5.57 11.51 37.65
CA THR D 20 4.83 12.16 36.58
C THR D 20 4.86 11.26 35.35
N ARG D 21 3.74 11.24 34.64
CA ARG D 21 3.65 10.55 33.35
C ARG D 21 3.95 11.53 32.22
N TRP D 22 5.02 11.27 31.46
CA TRP D 22 5.41 12.08 30.30
C TRP D 22 5.13 11.31 29.01
N ALA D 23 4.87 12.05 27.94
CA ALA D 23 4.73 11.41 26.63
C ALA D 23 5.38 12.27 25.56
N VAL D 24 5.92 11.61 24.54
CA VAL D 24 6.43 12.30 23.36
C VAL D 24 5.72 11.67 22.17
N LEU D 25 5.06 12.49 21.37
CA LEU D 25 4.28 12.04 20.22
C LEU D 25 4.90 12.61 18.95
N VAL D 26 5.28 11.74 18.03
CA VAL D 26 6.03 12.16 16.83
C VAL D 26 5.44 11.62 15.52
N ALA D 27 5.00 12.54 14.67
CA ALA D 27 4.62 12.17 13.30
C ALA D 27 5.81 12.52 12.40
N GLY D 28 6.32 11.54 11.66
CA GLY D 28 7.57 11.71 10.95
C GLY D 28 7.45 12.20 9.51
N SER D 29 6.23 12.55 9.10
CA SER D 29 5.95 12.84 7.69
C SER D 29 5.22 14.16 7.48
N SER D 30 5.04 14.52 6.21
CA SER D 30 4.29 15.73 5.85
C SER D 30 3.54 15.45 4.56
N GLY D 31 2.65 16.36 4.17
CA GLY D 31 1.89 16.17 2.95
C GLY D 31 0.52 15.56 3.19
N TYR D 32 -0.47 16.01 2.41
CA TYR D 32 -1.84 15.58 2.65
C TYR D 32 -2.02 14.06 2.50
N TRP D 33 -1.26 13.45 1.59
CA TRP D 33 -1.29 12.00 1.38
C TRP D 33 -0.79 11.24 2.60
N ASN D 34 -0.13 11.95 3.52
CA ASN D 34 0.33 11.36 4.78
C ASN D 34 -0.51 11.82 5.97
N TYR D 35 -1.72 12.29 5.69
CA TYR D 35 -2.74 12.63 6.68
C TYR D 35 -2.71 11.73 7.91
N ARG D 36 -2.66 10.42 7.67
CA ARG D 36 -2.84 9.44 8.73
C ARG D 36 -1.83 9.53 9.87
N HIS D 37 -0.61 9.94 9.59
CA HIS D 37 0.41 9.95 10.63
C HIS D 37 0.16 11.05 11.63
N GLN D 38 -0.23 12.22 11.13
CA GLN D 38 -0.55 13.31 12.05
C GLN D 38 -1.92 13.06 12.70
N ALA D 39 -2.85 12.42 12.00
CA ALA D 39 -4.10 12.02 12.62
C ALA D 39 -3.84 11.05 13.78
N ASP D 40 -2.96 10.08 13.57
CA ASP D 40 -2.57 9.14 14.63
C ASP D 40 -2.09 9.88 15.88
N ILE D 41 -1.21 10.86 15.67
CA ILE D 41 -0.56 11.57 16.76
C ILE D 41 -1.55 12.47 17.48
N CYS D 42 -2.45 13.12 16.74
CA CYS D 42 -3.44 13.97 17.39
C CYS D 42 -4.40 13.13 18.25
N HIS D 43 -4.78 11.97 17.74
CA HIS D 43 -5.63 11.06 18.49
C HIS D 43 -4.92 10.61 19.78
N ALA D 44 -3.64 10.29 19.67
CA ALA D 44 -2.86 9.89 20.86
C ALA D 44 -2.85 10.99 21.89
N TYR D 45 -2.69 12.23 21.44
CA TYR D 45 -2.70 13.36 22.36
C TYR D 45 -4.02 13.39 23.15
N GLN D 46 -5.13 13.30 22.43
CA GLN D 46 -6.44 13.40 23.08
C GLN D 46 -6.66 12.25 24.07
N LEU D 47 -6.20 11.06 23.68
CA LEU D 47 -6.36 9.87 24.51
C LEU D 47 -5.60 10.03 25.82
N LEU D 48 -4.38 10.51 25.73
CA LEU D 48 -3.55 10.68 26.91
C LEU D 48 -4.13 11.77 27.82
N ARG D 49 -4.67 12.82 27.23
CA ARG D 49 -5.32 13.86 28.03
C ARG D 49 -6.52 13.31 28.76
N LYS D 50 -7.34 12.52 28.08
CA LYS D 50 -8.51 11.93 28.73
C LYS D 50 -8.12 11.00 29.86
N GLY D 51 -6.92 10.42 29.76
CA GLY D 51 -6.42 9.52 30.79
C GLY D 51 -5.84 10.27 31.97
N GLY D 52 -5.70 11.58 31.83
CA GLY D 52 -5.22 12.39 32.94
C GLY D 52 -3.81 12.94 32.82
N LEU D 53 -3.09 12.59 31.75
CA LEU D 53 -1.79 13.23 31.55
C LEU D 53 -2.03 14.71 31.28
N LYS D 54 -1.16 15.54 31.83
CA LYS D 54 -1.27 16.98 31.67
C LYS D 54 -0.71 17.39 30.33
N GLU D 55 -1.31 18.42 29.73
CA GLU D 55 -0.78 18.98 28.49
C GLU D 55 0.69 19.35 28.64
N GLU D 56 1.08 19.89 29.80
CA GLU D 56 2.48 20.28 29.99
C GLU D 56 3.45 19.10 29.97
N ASN D 57 2.91 17.88 30.05
CA ASN D 57 3.76 16.68 30.07
C ASN D 57 3.67 15.85 28.81
N ILE D 58 2.96 16.36 27.81
CA ILE D 58 2.88 15.68 26.51
C ILE D 58 3.50 16.56 25.44
N VAL D 59 4.58 16.08 24.82
CA VAL D 59 5.32 16.88 23.85
C VAL D 59 4.98 16.43 22.44
N VAL D 60 4.40 17.33 21.64
CA VAL D 60 3.90 16.96 20.33
C VAL D 60 4.76 17.48 19.19
N PHE D 61 5.16 16.55 18.32
CA PHE D 61 5.87 16.84 17.08
C PHE D 61 4.96 16.54 15.90
N MET D 62 4.54 17.58 15.17
CA MET D 62 3.74 17.35 13.97
C MET D 62 4.02 18.47 12.98
N TYR D 63 4.17 18.14 11.71
CA TYR D 63 4.54 19.18 10.74
C TYR D 63 3.48 20.28 10.69
N ASP D 64 2.21 19.88 10.87
CA ASP D 64 1.06 20.78 11.07
C ASP D 64 0.57 21.36 9.74
N ASP D 65 0.65 20.54 8.70
CA ASP D 65 0.19 20.95 7.37
C ASP D 65 -1.06 20.19 6.92
N ILE D 66 -1.81 19.64 7.87
CA ILE D 66 -2.99 18.84 7.52
C ILE D 66 -4.30 19.56 7.80
N ALA D 67 -4.48 20.06 9.02
CA ALA D 67 -5.74 20.68 9.41
C ALA D 67 -6.15 21.81 8.46
N ASN D 68 -5.21 22.61 8.00
N ASN D 68 -5.14 22.56 8.00
CA ASN D 68 -5.59 23.66 7.07
CA ASN D 68 -5.34 23.74 7.15
C ASN D 68 -4.89 23.50 5.72
C ASN D 68 -5.05 23.50 5.67
N ASN D 69 -4.81 22.25 5.30
CA ASN D 69 -4.42 21.92 3.94
C ASN D 69 -5.59 22.21 2.99
N TYR D 70 -5.30 22.77 1.81
CA TYR D 70 -6.39 23.10 0.91
C TYR D 70 -7.07 21.84 0.38
N GLU D 71 -6.42 20.68 0.53
CA GLU D 71 -7.05 19.43 0.12
C GLU D 71 -7.89 18.78 1.22
N ASN D 72 -7.85 19.34 2.42
CA ASN D 72 -8.64 18.81 3.53
C ASN D 72 -10.11 19.20 3.36
N PRO D 73 -11.02 18.21 3.22
CA PRO D 73 -12.43 18.53 2.99
C PRO D 73 -13.16 19.09 4.21
N ARG D 74 -12.56 18.95 5.38
CA ARG D 74 -13.12 19.53 6.60
C ARG D 74 -12.10 20.43 7.26
N PRO D 75 -11.94 21.65 6.71
CA PRO D 75 -10.92 22.60 7.16
C PRO D 75 -10.88 22.80 8.67
N GLY D 76 -9.68 22.79 9.23
CA GLY D 76 -9.50 23.04 10.65
C GLY D 76 -9.61 21.80 11.53
N THR D 77 -9.94 20.67 10.91
CA THR D 77 -10.17 19.44 11.66
C THR D 77 -9.33 18.29 11.11
N ILE D 78 -9.08 17.32 11.97
CA ILE D 78 -8.43 16.08 11.60
C ILE D 78 -9.20 14.96 12.28
N ILE D 79 -9.52 13.88 11.56
CA ILE D 79 -10.13 12.70 12.18
C ILE D 79 -9.24 11.48 12.01
N ASN D 80 -9.42 10.47 12.86
CA ASN D 80 -8.54 9.30 12.84
C ASN D 80 -9.31 7.98 12.72
N SER D 81 -10.60 8.09 12.37
CA SER D 81 -11.47 6.96 12.04
C SER D 81 -12.67 7.50 11.25
N PRO D 82 -13.38 6.63 10.53
CA PRO D 82 -14.43 7.12 9.62
C PRO D 82 -15.50 7.98 10.30
N HIS D 83 -15.89 7.63 11.52
CA HIS D 83 -16.88 8.43 12.22
C HIS D 83 -16.29 9.17 13.43
N GLY D 84 -14.97 9.34 13.42
CA GLY D 84 -14.30 10.00 14.53
C GLY D 84 -14.60 11.49 14.66
N LYS D 85 -14.53 11.97 15.90
CA LYS D 85 -14.64 13.40 16.14
C LYS D 85 -13.31 14.04 15.81
N ASP D 86 -13.32 15.36 15.67
CA ASP D 86 -12.06 16.08 15.49
C ASP D 86 -11.11 15.77 16.63
N VAL D 87 -9.86 15.48 16.29
CA VAL D 87 -8.82 15.29 17.29
C VAL D 87 -7.74 16.40 17.24
N TYR D 88 -7.90 17.37 16.34
CA TYR D 88 -6.89 18.42 16.19
C TYR D 88 -6.99 19.55 17.22
N GLN D 89 -8.22 19.96 17.53
CA GLN D 89 -8.45 21.07 18.45
C GLN D 89 -7.80 20.76 19.78
N GLY D 90 -6.98 21.67 20.28
CA GLY D 90 -6.41 21.50 21.61
C GLY D 90 -5.02 20.90 21.60
N VAL D 91 -4.60 20.33 20.47
CA VAL D 91 -3.26 19.77 20.40
C VAL D 91 -2.23 20.90 20.42
N PRO D 92 -1.27 20.84 21.35
CA PRO D 92 -0.29 21.93 21.45
C PRO D 92 0.68 21.95 20.28
N LYS D 93 1.12 23.13 19.88
CA LYS D 93 2.07 23.26 18.78
C LYS D 93 3.48 23.31 19.31
N ASP D 94 3.96 22.21 19.89
CA ASP D 94 5.27 22.23 20.53
C ASP D 94 6.38 22.34 19.49
N TYR D 95 6.40 21.40 18.55
CA TYR D 95 7.39 21.42 17.48
C TYR D 95 6.64 21.15 16.19
N THR D 96 6.58 22.18 15.34
CA THR D 96 5.85 22.07 14.07
C THR D 96 6.73 22.60 12.95
N GLY D 97 6.30 22.36 11.72
CA GLY D 97 7.06 22.79 10.57
C GLY D 97 8.49 22.29 10.63
N ASP D 98 9.44 23.16 10.31
CA ASP D 98 10.82 22.71 10.23
C ASP D 98 11.46 22.55 11.61
N ASP D 99 10.69 22.82 12.66
CA ASP D 99 11.15 22.50 14.01
C ASP D 99 10.95 21.01 14.33
N VAL D 100 10.26 20.28 13.46
CA VAL D 100 10.19 18.84 13.59
C VAL D 100 11.47 18.26 13.03
N ASN D 101 12.49 18.17 13.87
CA ASN D 101 13.78 17.67 13.44
C ASN D 101 14.42 16.84 14.53
N VAL D 102 15.43 16.06 14.15
CA VAL D 102 16.05 15.10 15.05
C VAL D 102 16.70 15.77 16.26
N ASP D 103 17.37 16.89 16.04
CA ASP D 103 18.00 17.61 17.16
C ASP D 103 16.99 17.99 18.23
N ASN D 104 15.83 18.50 17.82
CA ASN D 104 14.80 18.84 18.79
C ASN D 104 14.21 17.59 19.46
N LEU D 105 13.99 16.54 18.69
CA LEU D 105 13.46 15.30 19.26
C LEU D 105 14.38 14.76 20.35
N PHE D 106 15.68 14.73 20.06
CA PHE D 106 16.66 14.22 21.03
C PHE D 106 16.75 15.11 22.27
N ALA D 107 16.82 16.43 22.07
CA ALA D 107 16.84 17.35 23.20
C ALA D 107 15.59 17.20 24.07
N VAL D 108 14.43 17.07 23.45
CA VAL D 108 13.19 16.82 24.18
C VAL D 108 13.24 15.52 24.98
N ILE D 109 13.66 14.43 24.35
CA ILE D 109 13.76 13.16 25.06
C ILE D 109 14.72 13.26 26.26
N LEU D 110 15.84 13.93 26.06
CA LEU D 110 16.86 14.03 27.10
C LEU D 110 16.55 15.11 28.12
N GLY D 111 15.49 15.87 27.88
CA GLY D 111 15.05 16.85 28.85
C GLY D 111 16.00 18.03 28.93
N ASP D 112 16.64 18.33 27.80
CA ASP D 112 17.65 19.39 27.71
C ASP D 112 17.09 20.62 26.99
N LYS D 113 16.54 21.56 27.76
CA LYS D 113 15.89 22.72 27.17
C LYS D 113 16.87 23.64 26.41
N THR D 114 18.13 23.62 26.81
CA THR D 114 19.13 24.48 26.20
C THR D 114 19.50 24.04 24.79
N ALA D 115 19.25 22.77 24.49
CA ALA D 115 19.64 22.19 23.20
C ALA D 115 18.51 22.29 22.17
N VAL D 116 17.36 22.79 22.61
CA VAL D 116 16.20 22.96 21.72
C VAL D 116 16.36 24.20 20.85
N LYS D 117 16.03 24.07 19.57
CA LYS D 117 16.02 25.22 18.67
C LYS D 117 14.61 25.49 18.17
N GLY D 118 14.01 26.58 18.64
CA GLY D 118 12.67 26.94 18.19
C GLY D 118 11.61 26.19 18.98
N GLY D 119 10.41 26.18 18.45
CA GLY D 119 9.32 25.49 19.11
C GLY D 119 8.98 26.07 20.47
N SER D 120 8.24 25.30 21.26
CA SER D 120 7.72 25.76 22.54
C SER D 120 8.77 25.70 23.65
N GLY D 121 9.80 24.87 23.47
CA GLY D 121 10.78 24.63 24.49
C GLY D 121 10.37 23.58 25.52
N LYS D 122 9.21 22.98 25.33
CA LYS D 122 8.77 21.90 26.20
C LYS D 122 9.69 20.69 25.99
N VAL D 123 10.14 20.09 27.10
CA VAL D 123 11.02 18.93 27.06
C VAL D 123 10.58 17.93 28.11
N VAL D 124 11.11 16.71 28.05
CA VAL D 124 10.77 15.70 29.04
C VAL D 124 11.66 15.89 30.28
N ASP D 125 11.17 16.76 31.17
CA ASP D 125 11.86 17.15 32.40
C ASP D 125 11.59 16.12 33.49
N SER D 126 12.13 14.92 33.28
CA SER D 126 11.77 13.76 34.08
C SER D 126 12.80 13.44 35.14
N GLY D 127 12.38 12.63 36.10
CA GLY D 127 13.26 12.15 37.16
C GLY D 127 13.11 10.64 37.32
N PRO D 128 13.88 10.06 38.24
CA PRO D 128 13.94 8.59 38.41
C PRO D 128 12.62 7.89 38.74
N ASN D 129 11.59 8.61 39.19
CA ASN D 129 10.30 7.99 39.48
C ASN D 129 9.30 8.07 38.34
N ASP D 130 9.68 8.71 37.24
CA ASP D 130 8.72 9.04 36.19
C ASP D 130 8.54 7.95 35.15
N HIS D 131 7.36 7.95 34.53
CA HIS D 131 7.14 7.04 33.41
C HIS D 131 7.12 7.87 32.12
N ILE D 132 7.66 7.29 31.05
CA ILE D 132 7.74 7.98 29.77
C ILE D 132 7.13 7.08 28.71
N PHE D 133 6.31 7.67 27.85
CA PHE D 133 5.68 6.98 26.74
C PHE D 133 6.03 7.70 25.45
N ILE D 134 6.61 6.99 24.50
CA ILE D 134 6.97 7.58 23.20
C ILE D 134 6.22 6.86 22.10
N PHE D 135 5.54 7.60 21.24
CA PHE D 135 4.81 7.03 20.12
C PHE D 135 5.23 7.73 18.85
N TYR D 136 5.74 6.97 17.89
CA TYR D 136 6.14 7.51 16.60
C TYR D 136 5.27 6.90 15.52
N SER D 137 4.79 7.72 14.59
CA SER D 137 4.11 7.20 13.42
C SER D 137 4.53 7.88 12.12
C SNN D 138 5.80 6.41 8.90
CA SNN D 138 5.28 7.48 9.81
N SNN D 138 4.86 7.02 11.16
C4 SNN D 138 6.10 8.74 9.53
C5 SNN D 138 7.03 8.31 8.41
O SNN D 138 5.34 5.30 8.90
O5 SNN D 138 7.85 9.08 7.90
N HIS D 139 6.74 7.02 8.18
CA HIS D 139 7.34 6.12 7.21
C HIS D 139 8.66 5.61 7.76
N GLY D 140 9.12 4.49 7.25
CA GLY D 140 10.37 3.92 7.69
C GLY D 140 10.88 2.94 6.67
N GLY D 141 12.15 2.55 6.87
CA GLY D 141 12.78 1.51 6.09
C GLY D 141 13.78 0.83 6.99
N PRO D 142 14.55 -0.12 6.45
CA PRO D 142 15.54 -0.77 7.31
C PRO D 142 16.50 0.23 7.97
N GLY D 143 16.42 0.31 9.29
CA GLY D 143 17.33 1.13 10.06
C GLY D 143 17.06 2.62 10.07
N VAL D 144 15.96 3.05 9.45
CA VAL D 144 15.69 4.47 9.35
C VAL D 144 14.20 4.81 9.49
N LEU D 145 13.93 5.93 10.15
CA LEU D 145 12.59 6.48 10.26
C LEU D 145 12.52 7.84 9.60
N GLY D 146 11.40 8.16 8.97
CA GLY D 146 11.25 9.46 8.34
C GLY D 146 11.24 10.64 9.29
N MET D 147 11.65 11.78 8.76
CA MET D 147 11.38 13.07 9.38
C MET D 147 10.99 14.03 8.26
N PRO D 148 10.21 15.07 8.57
CA PRO D 148 9.81 15.99 7.50
C PRO D 148 10.87 17.03 7.19
N THR D 149 12.00 16.91 7.90
CA THR D 149 13.19 17.71 7.66
C THR D 149 14.38 16.78 7.56
N SER D 150 15.48 17.29 7.03
N SER D 150 15.48 17.29 7.03
CA SER D 150 16.74 16.56 7.07
CA SER D 150 16.74 16.57 7.06
C SER D 150 17.46 16.92 8.36
C SER D 150 17.45 16.91 8.37
N PRO D 151 18.12 15.93 8.99
CA PRO D 151 18.29 14.55 8.54
C PRO D 151 17.18 13.60 8.99
N TYR D 152 17.20 12.40 8.44
CA TYR D 152 16.27 11.36 8.88
C TYR D 152 16.67 10.85 10.27
N LEU D 153 15.81 10.03 10.85
CA LEU D 153 16.03 9.48 12.18
C LEU D 153 16.54 8.05 12.09
N TYR D 154 17.83 7.87 12.33
CA TYR D 154 18.47 6.57 12.15
C TYR D 154 18.44 5.73 13.43
N ALA D 155 18.29 4.43 13.26
CA ALA D 155 18.10 3.53 14.40
C ALA D 155 19.26 3.60 15.40
N ASN D 156 20.48 3.68 14.90
CA ASN D 156 21.63 3.74 15.82
C ASN D 156 21.62 5.02 16.66
N ASP D 157 21.25 6.15 16.06
CA ASP D 157 21.16 7.40 16.81
C ASP D 157 20.04 7.36 17.84
N LEU D 158 18.89 6.79 17.47
CA LEU D 158 17.78 6.70 18.41
C LEU D 158 18.12 5.83 19.61
N ASN D 159 18.71 4.67 19.36
CA ASN D 159 19.11 3.79 20.44
C ASN D 159 20.19 4.42 21.31
N ASP D 160 21.08 5.20 20.71
CA ASP D 160 22.12 5.90 21.48
C ASP D 160 21.49 6.91 22.44
N VAL D 161 20.47 7.62 21.98
CA VAL D 161 19.81 8.60 22.85
C VAL D 161 19.05 7.93 23.99
N LEU D 162 18.45 6.77 23.72
CA LEU D 162 17.75 6.02 24.77
C LEU D 162 18.76 5.55 25.80
N LYS D 163 19.95 5.13 25.35
CA LYS D 163 21.02 4.75 26.28
C LYS D 163 21.49 5.93 27.12
N LYS D 164 21.62 7.09 26.48
CA LYS D 164 22.03 8.30 27.19
C LYS D 164 21.02 8.66 28.27
N LYS D 165 19.75 8.61 27.92
CA LYS D 165 18.67 8.89 28.86
C LYS D 165 18.72 7.94 30.06
N HIS D 166 18.93 6.65 29.78
CA HIS D 166 19.03 5.68 30.86
C HIS D 166 20.22 5.99 31.75
N ALA D 167 21.34 6.39 31.14
CA ALA D 167 22.54 6.72 31.91
C ALA D 167 22.30 7.89 32.86
N LEU D 168 21.45 8.83 32.45
CA LEU D 168 21.09 9.96 33.31
C LEU D 168 20.22 9.53 34.50
N GLY D 169 19.54 8.39 34.38
CA GLY D 169 18.73 7.83 35.45
C GLY D 169 17.42 8.56 35.67
N THR D 170 16.96 9.25 34.63
CA THR D 170 15.83 10.16 34.75
C THR D 170 14.49 9.57 34.25
N TYR D 171 14.28 8.28 34.51
CA TYR D 171 12.95 7.68 34.41
C TYR D 171 12.96 6.35 35.15
N LYS D 172 11.77 5.90 35.55
CA LYS D 172 11.60 4.59 36.16
C LYS D 172 11.51 3.53 35.08
N SER D 173 10.62 3.75 34.12
N SER D 173 10.61 3.74 34.12
CA SER D 173 10.49 2.87 32.97
CA SER D 173 10.55 2.88 32.95
C SER D 173 9.96 3.67 31.78
C SER D 173 9.98 3.67 31.78
N LEU D 174 10.22 3.16 30.57
CA LEU D 174 9.83 3.88 29.36
C LEU D 174 9.22 2.89 28.38
N VAL D 175 8.14 3.29 27.73
CA VAL D 175 7.47 2.48 26.70
C VAL D 175 7.56 3.20 25.36
N PHE D 176 7.91 2.45 24.32
CA PHE D 176 8.03 3.01 22.98
C PHE D 176 7.11 2.23 22.03
N TYR D 177 6.14 2.92 21.42
CA TYR D 177 5.29 2.32 20.37
C TYR D 177 5.70 2.88 19.02
N LEU D 178 5.92 2.01 18.04
CA LEU D 178 6.51 2.45 16.78
C LEU D 178 5.75 1.95 15.56
N GLU D 179 5.20 2.89 14.80
CA GLU D 179 4.48 2.62 13.56
C GLU D 179 5.33 3.03 12.37
N ALA D 180 5.81 2.06 11.58
CA ALA D 180 6.55 2.34 10.35
C ALA D 180 6.82 1.04 9.61
N CYS D 181 7.08 1.11 8.32
CA CYS D 181 7.54 -0.06 7.58
C CYS D 181 8.88 -0.55 8.11
N GLU D 182 9.06 -1.87 8.18
CA GLU D 182 10.27 -2.49 8.68
C GLU D 182 10.67 -1.98 10.07
N SER D 183 9.67 -1.56 10.84
CA SER D 183 9.92 -0.92 12.13
C SER D 183 10.66 -1.80 13.13
N GLY D 184 10.52 -3.13 13.01
CA GLY D 184 11.28 -4.02 13.87
C GLY D 184 12.77 -3.79 13.77
N SER D 185 13.22 -3.32 12.61
CA SER D 185 14.65 -3.07 12.38
C SER D 185 15.21 -1.95 13.25
N ILE D 186 14.35 -1.11 13.81
CA ILE D 186 14.84 0.02 14.61
C ILE D 186 15.33 -0.48 15.97
N PHE D 187 14.75 -1.57 16.45
CA PHE D 187 15.14 -2.06 17.78
C PHE D 187 15.78 -3.46 17.81
N GLU D 188 15.51 -4.27 16.78
CA GLU D 188 15.93 -5.67 16.82
C GLU D 188 17.45 -5.81 16.88
N GLY D 189 17.93 -6.39 17.97
CA GLY D 189 19.35 -6.53 18.21
C GLY D 189 20.09 -5.24 18.49
N LEU D 190 19.35 -4.14 18.66
CA LEU D 190 19.95 -2.83 18.85
C LEU D 190 19.59 -2.25 20.22
N LEU D 191 18.34 -2.47 20.61
CA LEU D 191 17.84 -2.04 21.90
C LEU D 191 18.27 -3.03 22.96
N PRO D 192 19.22 -2.63 23.83
CA PRO D 192 19.71 -3.63 24.78
C PRO D 192 18.70 -3.91 25.87
N GLU D 193 18.82 -5.08 26.49
CA GLU D 193 18.04 -5.35 27.69
C GLU D 193 18.70 -4.64 28.88
N GLY D 194 17.91 -4.27 29.87
CA GLY D 194 18.44 -3.64 31.07
C GLY D 194 18.28 -2.14 31.16
N LEU D 195 17.66 -1.54 30.15
CA LEU D 195 17.40 -0.11 30.14
C LEU D 195 16.04 0.26 30.74
N ASN D 196 15.29 -0.76 31.17
CA ASN D 196 13.92 -0.57 31.66
C ASN D 196 13.05 0.06 30.59
N ILE D 197 13.30 -0.37 29.34
CA ILE D 197 12.53 0.07 28.18
C ILE D 197 11.78 -1.11 27.59
N TYR D 198 10.48 -0.93 27.34
CA TYR D 198 9.68 -1.91 26.63
C TYR D 198 9.21 -1.27 25.33
N ALA D 199 9.49 -1.91 24.19
CA ALA D 199 9.10 -1.32 22.91
C ALA D 199 8.31 -2.33 22.10
N THR D 200 7.30 -1.85 21.37
CA THR D 200 6.67 -2.68 20.36
C THR D 200 6.66 -1.95 19.03
N THR D 201 6.68 -2.75 17.97
CA THR D 201 6.73 -2.22 16.60
C THR D 201 5.59 -2.83 15.80
N ALA D 202 5.07 -2.04 14.85
CA ALA D 202 3.97 -2.50 14.00
C ALA D 202 4.33 -3.70 13.15
N SER D 203 5.60 -3.81 12.81
CA SER D 203 6.02 -4.85 11.89
C SER D 203 7.33 -5.48 12.31
N ASN D 204 7.68 -6.59 11.68
CA ASN D 204 9.01 -7.14 11.89
C ASN D 204 10.01 -6.33 11.08
N ALA D 205 11.27 -6.77 11.05
CA ALA D 205 12.33 -5.99 10.41
C ALA D 205 12.33 -6.04 8.87
N GLU D 206 11.47 -6.86 8.28
CA GLU D 206 11.56 -7.14 6.85
C GLU D 206 10.32 -6.84 6.03
N GLU D 207 9.27 -6.35 6.67
CA GLU D 207 7.97 -6.24 6.03
C GLU D 207 7.37 -4.86 6.19
N SER D 208 6.33 -4.58 5.40
CA SER D 208 5.63 -3.31 5.48
C SER D 208 4.68 -3.24 6.67
N SER D 209 4.36 -2.03 7.13
N SER D 209 4.38 -2.03 7.11
CA SER D 209 3.22 -1.82 8.00
CA SER D 209 3.23 -1.78 7.98
C SER D 209 2.19 -1.06 7.17
C SER D 209 2.18 -1.06 7.14
N TRP D 210 0.93 -1.10 7.59
CA TRP D 210 -0.16 -0.63 6.74
C TRP D 210 -0.98 0.49 7.33
N GLY D 211 -1.40 1.38 6.45
CA GLY D 211 -2.45 2.32 6.78
C GLY D 211 -3.77 1.59 6.93
N THR D 212 -4.78 2.26 7.47
CA THR D 212 -6.11 1.69 7.53
C THR D 212 -7.13 2.83 7.39
N TYR D 213 -8.41 2.49 7.26
CA TYR D 213 -9.46 3.49 7.00
C TYR D 213 -9.12 4.18 5.67
N CYS D 214 -8.98 3.36 4.64
CA CYS D 214 -8.48 3.77 3.33
C CYS D 214 -9.60 3.76 2.32
N PRO D 215 -9.57 4.71 1.37
CA PRO D 215 -10.53 4.72 0.27
C PRO D 215 -10.60 3.35 -0.40
N GLY D 216 -11.80 2.81 -0.58
CA GLY D 216 -11.93 1.54 -1.26
C GLY D 216 -11.84 0.31 -0.39
N GLU D 217 -11.53 0.51 0.89
CA GLU D 217 -11.49 -0.60 1.81
C GLU D 217 -12.58 -0.44 2.86
N GLU D 218 -12.80 -1.49 3.65
CA GLU D 218 -13.81 -1.45 4.70
C GLU D 218 -13.16 -1.56 6.06
N PRO D 219 -13.53 -0.67 7.01
CA PRO D 219 -14.46 0.46 6.86
C PRO D 219 -13.84 1.61 6.08
N SER D 220 -14.62 2.25 5.22
CA SER D 220 -14.10 3.30 4.35
C SER D 220 -14.22 4.67 5.00
N PRO D 221 -13.31 5.57 4.66
CA PRO D 221 -13.41 6.95 5.13
C PRO D 221 -14.60 7.61 4.43
N PRO D 222 -15.08 8.73 4.95
CA PRO D 222 -16.09 9.50 4.22
C PRO D 222 -15.64 9.74 2.78
N PRO D 223 -16.57 9.76 1.83
CA PRO D 223 -16.20 9.83 0.41
C PRO D 223 -15.37 11.07 0.07
N GLU D 224 -15.49 12.13 0.86
CA GLU D 224 -14.73 13.35 0.61
C GLU D 224 -13.25 13.21 0.97
N TYR D 225 -12.87 12.09 1.60
CA TYR D 225 -11.48 11.82 1.93
C TYR D 225 -10.83 10.90 0.92
N GLU D 226 -9.79 11.39 0.26
CA GLU D 226 -9.05 10.60 -0.71
C GLU D 226 -7.70 10.15 -0.14
N THR D 227 -7.68 9.85 1.15
CA THR D 227 -6.45 9.48 1.80
C THR D 227 -6.83 8.65 3.01
N CYS D 228 -5.93 7.78 3.47
CA CYS D 228 -6.22 6.95 4.64
C CYS D 228 -6.26 7.79 5.92
N LEU D 229 -7.15 7.44 6.84
CA LEU D 229 -7.31 8.25 8.04
C LEU D 229 -6.41 7.86 9.21
N GLY D 230 -5.83 6.68 9.17
CA GLY D 230 -4.95 6.24 10.23
C GLY D 230 -4.07 5.09 9.80
N ASP D 231 -3.42 4.46 10.77
CA ASP D 231 -2.59 3.29 10.51
C ASP D 231 -3.01 2.16 11.42
N LEU D 232 -2.92 0.91 10.94
CA LEU D 232 -3.60 -0.18 11.63
C LEU D 232 -3.07 -0.42 13.04
N TYR D 233 -1.75 -0.50 13.20
CA TYR D 233 -1.19 -0.74 14.53
C TYR D 233 -1.50 0.43 15.45
N SER D 234 -1.45 1.64 14.91
CA SER D 234 -1.70 2.83 15.71
C SER D 234 -3.13 2.88 16.23
N VAL D 235 -4.11 2.71 15.33
CA VAL D 235 -5.47 2.81 15.80
C VAL D 235 -5.81 1.57 16.63
N ALA D 236 -5.09 0.46 16.41
CA ALA D 236 -5.33 -0.74 17.21
C ALA D 236 -5.09 -0.46 18.68
N TRP D 237 -3.96 0.17 18.99
CA TRP D 237 -3.70 0.40 20.40
C TRP D 237 -4.56 1.55 20.93
N MET D 238 -4.77 2.59 20.13
CA MET D 238 -5.55 3.73 20.62
C MET D 238 -7.02 3.40 20.83
N GLU D 239 -7.59 2.60 19.94
CA GLU D 239 -9.00 2.22 20.08
C GLU D 239 -9.17 1.18 21.18
N ASP D 240 -8.16 0.34 21.37
CA ASP D 240 -8.15 -0.65 22.45
C ASP D 240 -8.17 0.03 23.80
N SER D 241 -7.35 1.06 23.95
CA SER D 241 -7.19 1.73 25.25
C SER D 241 -8.48 2.29 25.83
N GLY D 242 -9.55 2.30 25.04
CA GLY D 242 -10.84 2.77 25.51
C GLY D 242 -11.81 1.67 25.92
N MET D 243 -11.51 0.42 25.56
CA MET D 243 -12.49 -0.65 25.72
C MET D 243 -12.26 -1.58 26.92
N HIS D 244 -11.93 -1.00 28.06
CA HIS D 244 -11.79 -1.77 29.29
C HIS D 244 -12.27 -0.96 30.49
N ASN D 245 -12.80 0.22 30.20
CA ASN D 245 -13.30 1.13 31.24
C ASN D 245 -14.60 0.64 31.86
N LEU E 1 -15.35 -3.62 32.94
CA LEU E 1 -14.27 -2.98 33.68
C LEU E 1 -13.18 -3.98 34.05
N GLN E 2 -11.93 -3.65 33.70
CA GLN E 2 -10.81 -4.54 33.97
C GLN E 2 -9.48 -3.82 33.84
N THR E 3 -8.46 -4.38 34.49
CA THR E 3 -7.11 -3.87 34.40
C THR E 3 -6.40 -4.41 33.17
N GLU E 4 -5.81 -3.52 32.38
CA GLU E 4 -5.08 -3.95 31.19
C GLU E 4 -3.60 -3.65 31.35
N THR E 5 -2.78 -4.65 31.05
CA THR E 5 -1.34 -4.49 31.06
C THR E 5 -0.78 -4.17 29.67
N LEU E 6 0.48 -3.75 29.63
CA LEU E 6 1.18 -3.59 28.38
C LEU E 6 1.19 -4.89 27.58
N HIS E 7 1.39 -6.01 28.28
CA HIS E 7 1.39 -7.32 27.63
C HIS E 7 0.05 -7.61 26.96
N GLN E 8 -1.03 -7.32 27.67
CA GLN E 8 -2.36 -7.57 27.14
C GLN E 8 -2.64 -6.70 25.91
N GLN E 9 -2.26 -5.44 25.97
CA GLN E 9 -2.43 -4.57 24.82
C GLN E 9 -1.60 -5.05 23.63
N TYR E 10 -0.35 -5.44 23.88
CA TYR E 10 0.50 -6.04 22.86
C TYR E 10 -0.18 -7.22 22.18
N GLU E 11 -0.75 -8.13 22.96
CA GLU E 11 -1.41 -9.28 22.36
C GLU E 11 -2.61 -8.88 21.52
N LEU E 12 -3.39 -7.92 22.01
CA LEU E 12 -4.58 -7.48 21.29
C LEU E 12 -4.19 -6.76 20.00
N VAL E 13 -3.18 -5.91 20.09
CA VAL E 13 -2.72 -5.17 18.92
C VAL E 13 -2.10 -6.12 17.89
N LYS E 14 -1.33 -7.10 18.38
CA LYS E 14 -0.74 -8.09 17.49
C LYS E 14 -1.83 -8.83 16.73
N ARG E 15 -2.87 -9.22 17.45
CA ARG E 15 -3.97 -9.98 16.84
C ARG E 15 -4.69 -9.16 15.76
N ARG E 16 -4.95 -7.89 16.03
CA ARG E 16 -5.67 -7.06 15.06
C ARG E 16 -4.81 -6.73 13.83
N THR E 17 -3.51 -6.61 14.03
CA THR E 17 -2.60 -6.18 12.97
C THR E 17 -2.15 -7.36 12.09
N ALA E 18 -2.27 -8.59 12.61
CA ALA E 18 -1.77 -9.77 11.92
C ALA E 18 -2.52 -10.06 10.63
N PRO E 19 -1.82 -10.61 9.64
CA PRO E 19 -2.50 -10.97 8.39
C PRO E 19 -3.36 -12.20 8.59
N VAL E 20 -4.47 -12.31 7.88
CA VAL E 20 -5.15 -13.59 7.79
C VAL E 20 -4.71 -14.19 6.45
N GLY E 21 -4.08 -15.36 6.52
CA GLY E 21 -3.44 -15.93 5.36
C GLY E 21 -2.27 -15.07 4.89
N TYR E 22 -2.19 -14.86 3.58
CA TYR E 22 -1.14 -14.04 3.00
C TYR E 22 -1.70 -12.78 2.35
N SER E 23 -2.54 -12.05 3.08
CA SER E 23 -3.06 -10.79 2.55
C SER E 23 -2.83 -9.66 3.54
N TYR E 24 -2.07 -8.66 3.12
CA TYR E 24 -1.74 -7.51 3.95
C TYR E 24 -1.21 -7.92 5.31
N GLY E 25 -1.61 -7.17 6.34
CA GLY E 25 -1.21 -7.43 7.71
C GLY E 25 0.27 -7.24 8.01
N SER E 26 0.62 -7.26 9.29
CA SER E 26 2.03 -7.29 9.67
C SER E 26 2.16 -7.96 11.01
N HIS E 27 3.40 -8.30 11.36
CA HIS E 27 3.71 -9.05 12.59
C HIS E 27 4.26 -8.14 13.68
N VAL E 28 3.43 -7.84 14.65
CA VAL E 28 3.82 -6.94 15.73
C VAL E 28 4.88 -7.62 16.59
N MET E 29 5.92 -6.87 16.93
CA MET E 29 7.07 -7.41 17.65
CA MET E 29 7.04 -7.43 17.67
C MET E 29 7.28 -6.65 18.95
N GLN E 30 7.85 -7.31 19.95
CA GLN E 30 8.22 -6.62 21.19
C GLN E 30 9.72 -6.74 21.40
N TYR E 31 10.30 -5.69 21.98
CA TYR E 31 11.74 -5.59 22.20
C TYR E 31 12.03 -5.00 23.56
N GLY E 32 13.30 -5.05 23.97
CA GLY E 32 13.72 -4.48 25.25
C GLY E 32 13.49 -5.44 26.40
N ASP E 33 12.94 -4.91 27.49
CA ASP E 33 12.73 -5.66 28.73
C ASP E 33 11.32 -6.18 28.85
N VAL E 34 11.11 -7.46 28.53
CA VAL E 34 9.76 -8.00 28.49
C VAL E 34 9.09 -7.95 29.87
N GLY E 35 9.88 -7.95 30.93
CA GLY E 35 9.35 -7.89 32.28
C GLY E 35 8.54 -6.63 32.54
N ILE E 36 8.92 -5.54 31.88
CA ILE E 36 8.21 -4.28 32.01
C ILE E 36 6.75 -4.42 31.55
N SER E 37 6.49 -5.35 30.62
CA SER E 37 5.14 -5.45 30.04
C SER E 37 4.07 -5.99 31.02
N LYS E 38 4.50 -6.39 32.22
CA LYS E 38 3.55 -6.73 33.28
C LYS E 38 2.88 -5.47 33.83
N ASP E 39 3.46 -4.30 33.56
CA ASP E 39 2.90 -3.05 34.08
C ASP E 39 1.50 -2.74 33.55
N ASN E 40 0.64 -2.22 34.42
N ASN E 40 0.65 -2.22 34.44
CA ASN E 40 -0.65 -1.72 33.99
CA ASN E 40 -0.65 -1.68 34.04
C ASN E 40 -0.46 -0.52 33.06
C ASN E 40 -0.46 -0.52 33.06
N LEU E 41 -1.29 -0.46 32.02
CA LEU E 41 -1.26 0.67 31.07
C LEU E 41 -1.38 2.04 31.77
N ASP E 42 -2.12 2.08 32.88
CA ASP E 42 -2.39 3.33 33.56
C ASP E 42 -1.11 4.02 34.04
N LEU E 43 -0.05 3.24 34.26
CA LEU E 43 1.23 3.81 34.69
C LEU E 43 1.80 4.75 33.63
N TYR E 44 1.38 4.54 32.38
CA TYR E 44 1.91 5.30 31.25
C TYR E 44 0.86 6.20 30.62
N MET E 45 -0.38 5.73 30.58
CA MET E 45 -1.45 6.40 29.85
C MET E 45 -2.59 6.91 30.71
N GLY E 46 -2.48 6.69 32.02
CA GLY E 46 -3.49 7.09 32.97
C GLY E 46 -4.75 6.26 32.86
N THR E 47 -5.82 6.77 33.48
CA THR E 47 -7.11 6.11 33.50
C THR E 47 -8.21 7.08 33.09
N ASN E 48 -8.95 6.75 32.04
CA ASN E 48 -10.16 7.48 31.70
C ASN E 48 -11.37 6.82 32.35
N PRO E 49 -11.94 7.47 33.37
CA PRO E 49 -13.08 6.86 34.07
C PRO E 49 -14.35 6.87 33.22
N ALA E 50 -15.02 5.72 33.12
CA ALA E 50 -16.22 5.60 32.31
C ALA E 50 -16.97 4.30 32.64
C ACE F 1 -5.43 -0.41 -0.63
O ACE F 1 -5.97 0.66 -0.45
CH3 ACE F 1 -5.84 -1.30 -1.78
N TYR F 2 -4.67 -0.97 0.32
CA TYR F 2 -4.16 -0.20 1.45
C TYR F 2 -2.81 0.41 1.12
N VAL F 3 -2.56 1.60 1.66
CA VAL F 3 -1.26 2.27 1.52
C VAL F 3 -0.29 1.73 2.57
N ALA F 4 0.98 1.58 2.21
CA ALA F 4 1.99 1.10 3.15
C ALA F 4 2.74 2.24 3.80
N ASP F 5 3.46 1.94 4.87
CA ASP F 5 4.22 2.95 5.59
C ASP F 5 5.72 2.77 5.38
C1 0QE F 6 6.26 1.80 4.36
#